data_1FNZ
#
_entry.id   1FNZ
#
_cell.length_a   64.622
_cell.length_b   76.231
_cell.length_c   118.243
_cell.angle_alpha   90.00
_cell.angle_beta   90.00
_cell.angle_gamma   90.00
#
_symmetry.space_group_name_H-M   'I 2 2 2'
#
loop_
_entity.id
_entity.type
_entity.pdbx_description
1 polymer 'BARK AGGLUTININ I, POLYPEPTIDE A'
2 non-polymer 2-acetamido-2-deoxy-alpha-D-galactopyranose
3 non-polymer 'CALCIUM ION'
4 water water
#
_entity_poly.entity_id   1
_entity_poly.type   'polypeptide(L)'
_entity_poly.pdbx_seq_one_letter_code
;TGSLSFSFPKFAPNQPYLINQGDALVTSTGVLQLTNVVNGVPSSKSLGRALYAAPFQIWDSTTGNVASFVTSFTFIIQAP
NPATTADGLAFFLAPVDTQPLDLGGMLGIFKDGYFNKSNQIVAVEFDTFSNGDWDPKGRHLGINVNSIESIKTVPWNWTN
GEVANVFISYEASTKSLTASLVYPSLETSFIIDAIVDVKIVLPEWVRFGFSATTGIDKGYVQTNDVLSWSFESNLPG
;
_entity_poly.pdbx_strand_id   A
#
# COMPACT_ATOMS: atom_id res chain seq x y z
N THR A 1 -5.95 13.59 -20.26
CA THR A 1 -4.48 13.56 -20.50
C THR A 1 -3.71 14.36 -19.43
N GLY A 2 -2.48 13.94 -19.15
CA GLY A 2 -1.67 14.63 -18.16
C GLY A 2 -0.62 13.77 -17.45
N SER A 3 0.04 14.34 -16.45
CA SER A 3 1.07 13.62 -15.71
C SER A 3 1.25 14.19 -14.30
N LEU A 4 1.91 13.40 -13.46
CA LEU A 4 2.18 13.77 -12.08
C LEU A 4 3.40 13.01 -11.58
N SER A 5 4.32 13.69 -10.91
CA SER A 5 5.48 13.02 -10.33
C SER A 5 5.89 13.80 -9.09
N PHE A 6 6.56 13.11 -8.18
CA PHE A 6 7.06 13.74 -6.97
C PHE A 6 8.07 12.82 -6.29
N SER A 7 8.77 13.38 -5.31
CA SER A 7 9.77 12.64 -4.56
C SER A 7 9.89 13.23 -3.15
N PHE A 8 9.78 12.36 -2.14
CA PHE A 8 9.89 12.74 -0.74
C PHE A 8 10.93 11.82 -0.11
N PRO A 9 12.17 12.28 0.06
CA PRO A 9 13.22 11.46 0.66
C PRO A 9 12.89 11.12 2.11
N LYS A 10 12.01 11.93 2.69
CA LYS A 10 11.53 11.77 4.05
C LYS A 10 10.23 12.56 4.13
N PHE A 11 9.50 12.45 5.23
CA PHE A 11 8.24 13.19 5.33
C PHE A 11 8.31 14.32 6.34
N ALA A 12 7.77 15.48 5.95
CA ALA A 12 7.74 16.63 6.82
C ALA A 12 6.36 16.63 7.47
N PRO A 13 6.33 16.75 8.81
CA PRO A 13 5.04 16.75 9.52
C PRO A 13 4.29 18.08 9.36
N ASN A 14 2.98 18.01 9.54
CA ASN A 14 2.12 19.18 9.46
C ASN A 14 2.14 19.92 8.12
N GLN A 15 2.27 19.20 7.01
CA GLN A 15 2.26 19.83 5.70
C GLN A 15 1.21 19.10 4.86
N PRO A 16 0.24 19.85 4.33
CA PRO A 16 -0.86 19.34 3.51
C PRO A 16 -0.57 18.62 2.19
N TYR A 17 0.63 18.06 2.02
CA TYR A 17 0.87 17.34 0.78
C TYR A 17 0.36 15.90 0.94
N LEU A 18 0.02 15.54 2.17
CA LEU A 18 -0.54 14.22 2.46
C LEU A 18 -1.89 14.38 3.15
N ILE A 19 -2.78 13.44 2.89
CA ILE A 19 -4.08 13.43 3.54
C ILE A 19 -4.00 12.24 4.49
N ASN A 20 -3.90 12.54 5.79
CA ASN A 20 -3.80 11.52 6.83
C ASN A 20 -5.18 11.02 7.27
N GLN A 21 -5.35 9.70 7.34
CA GLN A 21 -6.62 9.11 7.75
C GLN A 21 -6.40 8.07 8.87
N GLY A 22 -7.40 7.89 9.73
CA GLY A 22 -7.24 6.93 10.81
C GLY A 22 -6.14 7.34 11.79
N ASP A 23 -5.33 6.39 12.23
CA ASP A 23 -4.26 6.67 13.20
C ASP A 23 -2.94 7.17 12.60
N ALA A 24 -2.88 7.27 11.28
CA ALA A 24 -1.66 7.73 10.61
C ALA A 24 -1.19 9.09 11.06
N LEU A 25 0.13 9.24 11.20
CA LEU A 25 0.73 10.51 11.60
C LEU A 25 2.18 10.58 11.14
N VAL A 26 2.73 11.78 11.10
CA VAL A 26 4.11 11.95 10.70
C VAL A 26 4.92 12.36 11.92
N THR A 27 5.94 11.58 12.24
CA THR A 27 6.78 11.86 13.40
C THR A 27 7.70 13.06 13.17
N SER A 28 8.24 13.59 14.26
CA SER A 28 9.14 14.74 14.16
C SER A 28 10.39 14.35 13.38
N THR A 29 10.68 13.05 13.34
CA THR A 29 11.85 12.55 12.62
C THR A 29 11.58 12.35 11.13
N GLY A 30 10.36 12.66 10.70
CA GLY A 30 10.01 12.54 9.29
C GLY A 30 9.56 11.16 8.83
N VAL A 31 9.09 10.34 9.76
CA VAL A 31 8.63 8.99 9.44
C VAL A 31 7.11 8.96 9.37
N LEU A 32 6.57 8.32 8.34
CA LEU A 32 5.12 8.20 8.19
C LEU A 32 4.70 6.99 9.03
N GLN A 33 4.15 7.24 10.20
CA GLN A 33 3.73 6.17 11.10
C GLN A 33 2.26 5.83 10.85
N LEU A 34 2.02 4.82 10.04
CA LEU A 34 0.65 4.43 9.70
C LEU A 34 -0.18 3.94 10.88
N THR A 35 0.38 3.07 11.72
CA THR A 35 -0.36 2.54 12.88
C THR A 35 0.22 2.95 14.24
N ASN A 36 -0.65 3.00 15.24
CA ASN A 36 -0.28 3.41 16.59
C ASN A 36 0.86 2.66 17.28
N VAL A 37 1.72 3.43 17.94
CA VAL A 37 2.84 2.89 18.68
C VAL A 37 2.84 3.58 20.05
N VAL A 38 2.89 2.79 21.11
CA VAL A 38 2.90 3.33 22.47
C VAL A 38 4.22 2.98 23.15
N ASN A 39 5.07 3.98 23.30
CA ASN A 39 6.38 3.81 23.95
C ASN A 39 7.20 2.74 23.22
N GLY A 40 7.24 2.82 21.90
CA GLY A 40 7.99 1.86 21.11
C GLY A 40 7.22 0.61 20.74
N VAL A 41 6.19 0.28 21.51
CA VAL A 41 5.40 -0.92 21.25
C VAL A 41 4.13 -0.64 20.45
N PRO A 42 3.96 -1.30 19.29
CA PRO A 42 2.77 -1.08 18.46
C PRO A 42 1.51 -1.63 19.13
N SER A 43 0.40 -0.91 18.99
CA SER A 43 -0.84 -1.34 19.61
C SER A 43 -1.75 -2.09 18.62
N SER A 44 -2.70 -2.86 19.14
CA SER A 44 -3.60 -3.63 18.30
C SER A 44 -4.81 -2.83 17.84
N LYS A 45 -5.56 -3.40 16.91
CA LYS A 45 -6.76 -2.73 16.39
C LYS A 45 -6.46 -1.32 15.86
N SER A 46 -5.29 -1.14 15.25
CA SER A 46 -4.94 0.16 14.72
C SER A 46 -5.11 0.16 13.20
N LEU A 47 -5.44 1.32 12.64
CA LEU A 47 -5.64 1.47 11.20
C LEU A 47 -5.26 2.88 10.80
N GLY A 48 -4.38 2.99 9.82
CA GLY A 48 -3.97 4.32 9.37
C GLY A 48 -3.73 4.36 7.86
N ARG A 49 -4.08 5.47 7.22
CA ARG A 49 -3.87 5.58 5.79
C ARG A 49 -3.29 6.96 5.47
N ALA A 50 -2.65 7.07 4.32
CA ALA A 50 -2.05 8.32 3.89
C ALA A 50 -2.16 8.39 2.37
N LEU A 51 -2.82 9.43 1.87
CA LEU A 51 -3.00 9.61 0.43
C LEU A 51 -2.27 10.88 -0.02
N TYR A 52 -1.79 10.92 -1.26
CA TYR A 52 -1.14 12.13 -1.75
C TYR A 52 -2.30 13.14 -1.81
N ALA A 53 -2.04 14.42 -1.57
CA ALA A 53 -3.11 15.41 -1.60
C ALA A 53 -3.88 15.45 -2.90
N ALA A 54 -3.18 15.33 -4.02
CA ALA A 54 -3.84 15.38 -5.30
C ALA A 54 -3.99 14.03 -5.97
N PRO A 55 -5.10 13.84 -6.69
CA PRO A 55 -5.31 12.58 -7.40
C PRO A 55 -4.61 12.76 -8.74
N PHE A 56 -4.62 11.70 -9.55
CA PHE A 56 -4.04 11.78 -10.89
C PHE A 56 -5.02 11.04 -11.78
N GLN A 57 -4.98 11.34 -13.08
CA GLN A 57 -5.88 10.69 -14.01
C GLN A 57 -5.22 9.42 -14.50
N ILE A 58 -5.84 8.27 -14.21
CA ILE A 58 -5.28 6.99 -14.61
C ILE A 58 -5.74 6.49 -16.00
N TRP A 59 -6.80 7.10 -16.53
CA TRP A 59 -7.28 6.78 -17.88
C TRP A 59 -8.24 7.88 -18.35
N ASP A 60 -8.31 8.06 -19.67
CA ASP A 60 -9.14 9.09 -20.28
C ASP A 60 -10.29 8.50 -21.08
N SER A 61 -11.52 8.83 -20.69
CA SER A 61 -12.70 8.30 -21.35
C SER A 61 -12.93 8.86 -22.75
N THR A 62 -12.33 10.01 -23.04
CA THR A 62 -12.49 10.62 -24.35
C THR A 62 -11.55 10.01 -25.37
N THR A 63 -10.29 9.81 -24.99
CA THR A 63 -9.29 9.23 -25.89
C THR A 63 -9.20 7.72 -25.71
N GLY A 64 -9.64 7.23 -24.56
CA GLY A 64 -9.57 5.81 -24.29
C GLY A 64 -8.19 5.39 -23.81
N ASN A 65 -7.26 6.34 -23.70
CA ASN A 65 -5.91 6.02 -23.26
C ASN A 65 -5.80 5.67 -21.78
N VAL A 66 -4.79 4.88 -21.46
CA VAL A 66 -4.56 4.46 -20.08
C VAL A 66 -3.16 4.88 -19.67
N ALA A 67 -3.06 5.37 -18.44
CA ALA A 67 -1.78 5.83 -17.93
C ALA A 67 -0.87 4.70 -17.48
N SER A 68 0.43 4.99 -17.49
CA SER A 68 1.42 4.05 -17.02
C SER A 68 2.03 4.82 -15.86
N PHE A 69 2.43 4.12 -14.81
CA PHE A 69 3.02 4.81 -13.66
C PHE A 69 3.99 3.88 -12.92
N VAL A 70 4.78 4.48 -12.05
CA VAL A 70 5.72 3.73 -11.22
C VAL A 70 5.74 4.46 -9.89
N THR A 71 6.07 3.75 -8.82
CA THR A 71 6.17 4.37 -7.51
C THR A 71 7.16 3.53 -6.73
N SER A 72 7.90 4.17 -5.85
CA SER A 72 8.84 3.46 -5.03
C SER A 72 8.78 4.06 -3.64
N PHE A 73 9.03 3.23 -2.64
CA PHE A 73 9.03 3.69 -1.26
C PHE A 73 9.81 2.72 -0.39
N THR A 74 10.23 3.20 0.78
CA THR A 74 10.96 2.36 1.72
C THR A 74 10.12 2.29 2.97
N PHE A 75 10.11 1.14 3.61
CA PHE A 75 9.31 1.00 4.82
C PHE A 75 9.93 0.00 5.79
N ILE A 76 9.48 0.06 7.03
CA ILE A 76 9.95 -0.84 8.07
C ILE A 76 8.78 -1.42 8.83
N ILE A 77 8.83 -2.72 9.11
CA ILE A 77 7.81 -3.37 9.91
C ILE A 77 8.59 -4.04 11.03
N GLN A 78 8.43 -3.51 12.24
CA GLN A 78 9.11 -4.01 13.44
C GLN A 78 8.07 -4.59 14.38
N ALA A 79 8.39 -5.73 14.99
CA ALA A 79 7.48 -6.41 15.90
C ALA A 79 8.19 -6.98 17.13
N PRO A 80 7.62 -6.79 18.33
CA PRO A 80 8.21 -7.30 19.58
C PRO A 80 8.39 -8.81 19.52
N ASN A 81 7.35 -9.49 19.04
CA ASN A 81 7.36 -10.95 18.90
C ASN A 81 7.22 -11.29 17.42
N PRO A 82 8.35 -11.56 16.75
CA PRO A 82 8.35 -11.90 15.33
C PRO A 82 7.52 -13.12 14.94
N ALA A 83 7.03 -13.86 15.93
CA ALA A 83 6.22 -15.04 15.67
C ALA A 83 4.75 -14.70 15.47
N THR A 84 4.33 -13.57 16.03
CA THR A 84 2.95 -13.14 15.92
C THR A 84 2.88 -11.73 15.35
N THR A 85 2.74 -11.64 14.03
CA THR A 85 2.66 -10.35 13.34
C THR A 85 1.34 -10.20 12.62
N ALA A 86 0.83 -8.97 12.56
CA ALA A 86 -0.42 -8.67 11.85
C ALA A 86 -0.60 -7.14 11.80
N ASP A 87 -1.23 -6.64 10.73
CA ASP A 87 -1.75 -7.46 9.64
C ASP A 87 -1.02 -7.22 8.33
N GLY A 88 -0.55 -6.00 8.11
CA GLY A 88 0.16 -5.72 6.88
C GLY A 88 0.13 -4.28 6.44
N LEU A 89 0.79 -4.01 5.32
CA LEU A 89 0.88 -2.67 4.75
C LEU A 89 0.56 -2.79 3.27
N ALA A 90 -0.04 -1.77 2.67
CA ALA A 90 -0.37 -1.84 1.26
C ALA A 90 -0.30 -0.50 0.55
N PHE A 91 -0.09 -0.55 -0.77
CA PHE A 91 -0.08 0.63 -1.60
C PHE A 91 -1.36 0.40 -2.40
N PHE A 92 -2.20 1.42 -2.53
CA PHE A 92 -3.45 1.24 -3.28
C PHE A 92 -3.92 2.47 -4.05
N LEU A 93 -4.84 2.23 -4.97
CA LEU A 93 -5.44 3.27 -5.78
C LEU A 93 -6.95 3.11 -5.59
N ALA A 94 -7.66 4.22 -5.46
CA ALA A 94 -9.11 4.18 -5.24
C ALA A 94 -9.76 5.50 -5.61
N PRO A 95 -11.11 5.57 -5.56
CA PRO A 95 -11.79 6.83 -5.90
C PRO A 95 -11.25 7.98 -5.06
N VAL A 96 -11.31 9.19 -5.60
CA VAL A 96 -10.78 10.37 -4.91
C VAL A 96 -11.32 10.62 -3.50
N ASP A 97 -12.53 10.16 -3.24
CA ASP A 97 -13.15 10.34 -1.94
C ASP A 97 -12.98 9.13 -1.01
N THR A 98 -12.05 8.25 -1.35
CA THR A 98 -11.83 7.05 -0.54
C THR A 98 -11.63 7.35 0.94
N GLN A 99 -12.24 6.51 1.79
CA GLN A 99 -12.15 6.64 3.25
C GLN A 99 -11.75 5.28 3.82
N PRO A 100 -11.12 5.25 5.01
CA PRO A 100 -10.71 3.98 5.60
C PRO A 100 -11.85 2.98 5.77
N LEU A 101 -11.56 1.70 5.56
CA LEU A 101 -12.59 0.69 5.70
C LEU A 101 -12.36 -0.20 6.91
N ASP A 102 -12.49 -1.52 6.75
CA ASP A 102 -12.34 -2.46 7.86
C ASP A 102 -10.92 -2.65 8.41
N LEU A 103 -10.86 -2.94 9.71
CA LEU A 103 -9.61 -3.17 10.44
C LEU A 103 -9.04 -4.56 10.16
N GLY A 104 -7.93 -4.85 10.83
CA GLY A 104 -7.28 -6.15 10.70
C GLY A 104 -6.99 -6.67 9.32
N GLY A 105 -7.39 -7.92 9.09
CA GLY A 105 -7.16 -8.58 7.81
C GLY A 105 -7.62 -7.81 6.58
N MET A 106 -8.54 -6.87 6.76
CA MET A 106 -9.05 -6.09 5.64
C MET A 106 -8.09 -4.96 5.24
N LEU A 107 -7.02 -4.79 6.01
CA LEU A 107 -5.98 -3.79 5.73
C LEU A 107 -6.47 -2.35 5.55
N GLY A 108 -7.67 -2.06 6.03
CA GLY A 108 -8.20 -0.72 5.91
C GLY A 108 -8.60 -0.28 4.52
N ILE A 109 -8.60 -1.20 3.55
CA ILE A 109 -8.96 -0.85 2.18
C ILE A 109 -10.07 -1.71 1.58
N PHE A 110 -10.54 -2.69 2.35
CA PHE A 110 -11.63 -3.55 1.89
C PHE A 110 -12.68 -3.68 3.00
N LYS A 111 -13.92 -3.95 2.59
CA LYS A 111 -15.03 -4.11 3.51
C LYS A 111 -15.87 -5.30 3.09
N PHE A 115 -20.59 -6.22 -2.30
CA PHE A 115 -19.63 -5.54 -3.17
C PHE A 115 -20.19 -4.22 -3.69
N ASN A 116 -19.59 -3.12 -3.26
CA ASN A 116 -20.02 -1.79 -3.69
C ASN A 116 -19.22 -1.37 -4.91
N LYS A 117 -19.92 -1.14 -6.02
CA LYS A 117 -19.31 -0.74 -7.27
C LYS A 117 -18.61 0.62 -7.17
N SER A 118 -18.84 1.32 -6.06
CA SER A 118 -18.23 2.62 -5.84
C SER A 118 -16.94 2.53 -5.02
N ASN A 119 -16.66 1.34 -4.49
CA ASN A 119 -15.45 1.12 -3.70
C ASN A 119 -14.42 0.32 -4.49
N GLN A 120 -14.27 0.68 -5.76
CA GLN A 120 -13.32 0.02 -6.66
C GLN A 120 -11.90 0.27 -6.16
N ILE A 121 -11.10 -0.77 -6.06
CA ILE A 121 -9.74 -0.60 -5.58
C ILE A 121 -8.72 -1.61 -6.10
N VAL A 122 -7.52 -1.11 -6.34
CA VAL A 122 -6.40 -1.92 -6.81
C VAL A 122 -5.30 -1.71 -5.79
N ALA A 123 -4.69 -2.79 -5.32
CA ALA A 123 -3.66 -2.66 -4.31
C ALA A 123 -2.60 -3.74 -4.34
N VAL A 124 -1.42 -3.40 -3.83
CA VAL A 124 -0.30 -4.31 -3.72
C VAL A 124 -0.18 -4.44 -2.21
N GLU A 125 -0.26 -5.65 -1.70
CA GLU A 125 -0.21 -5.85 -0.27
C GLU A 125 1.02 -6.61 0.19
N PHE A 126 1.54 -6.18 1.34
CA PHE A 126 2.68 -6.83 1.98
C PHE A 126 2.00 -7.36 3.24
N ASP A 127 1.45 -8.56 3.09
CA ASP A 127 0.69 -9.24 4.13
C ASP A 127 1.52 -10.04 5.12
N THR A 128 1.48 -9.65 6.38
CA THR A 128 2.25 -10.32 7.42
C THR A 128 1.50 -11.38 8.22
N PHE A 129 0.24 -11.62 7.88
CA PHE A 129 -0.58 -12.61 8.58
C PHE A 129 -1.54 -13.30 7.60
N SER A 130 -1.48 -14.62 7.54
CA SER A 130 -2.34 -15.37 6.62
C SER A 130 -3.73 -15.68 7.17
N ASN A 131 -4.76 -15.07 6.56
CA ASN A 131 -6.13 -15.31 6.98
C ASN A 131 -6.62 -16.57 6.25
N GLY A 132 -6.87 -17.62 7.03
CA GLY A 132 -7.31 -18.89 6.49
C GLY A 132 -8.43 -18.89 5.46
N ASP A 133 -9.32 -17.90 5.53
CA ASP A 133 -10.45 -17.83 4.61
C ASP A 133 -10.17 -17.26 3.23
N TRP A 134 -9.00 -16.67 3.02
CA TRP A 134 -8.71 -16.07 1.71
C TRP A 134 -7.23 -15.85 1.43
N ASP A 135 -6.37 -16.26 2.35
CA ASP A 135 -4.92 -16.09 2.21
C ASP A 135 -4.16 -17.40 2.12
N PRO A 136 -3.04 -17.40 1.40
CA PRO A 136 -2.22 -18.61 1.26
C PRO A 136 -1.46 -18.82 2.57
N LYS A 137 -0.48 -19.70 2.55
CA LYS A 137 0.29 -19.98 3.76
C LYS A 137 1.43 -18.98 3.94
N GLY A 138 1.62 -18.54 5.17
CA GLY A 138 2.68 -17.60 5.48
C GLY A 138 2.55 -16.21 4.92
N ARG A 139 3.51 -15.36 5.28
CA ARG A 139 3.54 -13.98 4.83
C ARG A 139 3.73 -13.98 3.32
N HIS A 140 3.19 -12.96 2.66
CA HIS A 140 3.31 -12.91 1.21
C HIS A 140 3.00 -11.55 0.60
N LEU A 141 3.44 -11.37 -0.64
CA LEU A 141 3.14 -10.16 -1.37
C LEU A 141 1.86 -10.55 -2.10
N GLY A 142 1.01 -9.58 -2.41
CA GLY A 142 -0.21 -9.89 -3.12
C GLY A 142 -0.68 -8.73 -3.96
N ILE A 143 -1.42 -9.03 -5.02
CA ILE A 143 -1.99 -8.01 -5.89
C ILE A 143 -3.50 -8.23 -5.76
N ASN A 144 -4.21 -7.20 -5.31
CA ASN A 144 -5.65 -7.27 -5.08
C ASN A 144 -6.44 -6.31 -5.96
N VAL A 145 -7.59 -6.80 -6.41
CA VAL A 145 -8.49 -6.04 -7.25
C VAL A 145 -9.91 -6.24 -6.74
N ASN A 146 -10.44 -5.22 -6.10
CA ASN A 146 -11.79 -5.19 -5.53
C ASN A 146 -12.15 -6.09 -4.35
N SER A 147 -11.19 -6.86 -3.84
CA SER A 147 -11.46 -7.70 -2.68
C SER A 147 -10.18 -8.10 -1.94
N ILE A 148 -10.35 -8.55 -0.70
CA ILE A 148 -9.23 -8.95 0.15
C ILE A 148 -8.53 -10.21 -0.37
N GLU A 149 -9.22 -10.98 -1.21
CA GLU A 149 -8.60 -12.18 -1.76
C GLU A 149 -7.79 -11.76 -2.99
N SER A 150 -6.47 -11.88 -2.88
CA SER A 150 -5.57 -11.48 -3.97
C SER A 150 -5.75 -12.31 -5.25
N ILE A 151 -5.61 -11.66 -6.40
CA ILE A 151 -5.73 -12.38 -7.67
C ILE A 151 -4.46 -13.20 -7.88
N LYS A 152 -3.42 -12.91 -7.08
CA LYS A 152 -2.15 -13.64 -7.16
C LYS A 152 -1.29 -13.30 -5.93
N THR A 153 -0.53 -14.27 -5.44
CA THR A 153 0.36 -14.05 -4.29
C THR A 153 1.67 -14.80 -4.48
N VAL A 154 2.70 -14.40 -3.73
CA VAL A 154 3.99 -15.07 -3.75
C VAL A 154 4.54 -14.99 -2.33
N PRO A 155 5.29 -16.02 -1.90
CA PRO A 155 5.85 -16.03 -0.54
C PRO A 155 6.78 -14.85 -0.28
N TRP A 156 6.75 -14.35 0.95
CA TRP A 156 7.58 -13.23 1.35
C TRP A 156 8.24 -13.53 2.69
N ASN A 157 9.57 -13.44 2.72
CA ASN A 157 10.32 -13.66 3.94
C ASN A 157 10.55 -12.30 4.57
N TRP A 158 9.61 -11.90 5.41
CA TRP A 158 9.67 -10.62 6.11
C TRP A 158 10.83 -10.63 7.11
N THR A 159 11.58 -9.54 7.17
CA THR A 159 12.70 -9.43 8.11
C THR A 159 12.39 -8.31 9.12
N ASN A 160 12.21 -8.72 10.37
CA ASN A 160 11.89 -7.83 11.48
C ASN A 160 12.73 -6.55 11.52
N GLY A 161 12.07 -5.40 11.49
CA GLY A 161 12.73 -4.11 11.56
C GLY A 161 13.76 -3.75 10.50
N GLU A 162 13.85 -4.54 9.44
CA GLU A 162 14.80 -4.27 8.37
C GLU A 162 14.21 -3.28 7.36
N VAL A 163 15.04 -2.44 6.77
CA VAL A 163 14.56 -1.46 5.79
C VAL A 163 14.29 -2.14 4.45
N ALA A 164 13.06 -2.02 3.96
CA ALA A 164 12.69 -2.63 2.68
C ALA A 164 12.48 -1.57 1.62
N ASN A 165 12.94 -1.83 0.41
CA ASN A 165 12.76 -0.90 -0.71
C ASN A 165 11.72 -1.57 -1.61
N VAL A 166 10.68 -0.84 -1.95
CA VAL A 166 9.62 -1.38 -2.80
C VAL A 166 9.56 -0.61 -4.12
N PHE A 167 9.27 -1.32 -5.19
CA PHE A 167 9.12 -0.70 -6.49
C PHE A 167 7.88 -1.30 -7.13
N ILE A 168 7.00 -0.45 -7.64
CA ILE A 168 5.77 -0.89 -8.28
C ILE A 168 5.69 -0.19 -9.63
N SER A 169 5.34 -0.93 -10.68
CA SER A 169 5.24 -0.33 -12.00
C SER A 169 4.00 -0.87 -12.71
N TYR A 170 3.40 -0.04 -13.55
CA TYR A 170 2.22 -0.47 -14.31
C TYR A 170 2.41 -0.05 -15.75
N GLU A 171 2.41 -1.03 -16.65
CA GLU A 171 2.58 -0.75 -18.08
C GLU A 171 1.19 -0.85 -18.71
N ALA A 172 0.62 0.29 -19.08
CA ALA A 172 -0.72 0.29 -19.67
C ALA A 172 -0.85 -0.60 -20.91
N SER A 173 0.13 -0.54 -21.80
CA SER A 173 0.09 -1.32 -23.05
C SER A 173 -0.13 -2.81 -22.85
N THR A 174 0.37 -3.36 -21.75
CA THR A 174 0.22 -4.79 -21.47
C THR A 174 -0.63 -5.01 -20.22
N LYS A 175 -1.15 -3.94 -19.63
CA LYS A 175 -1.96 -4.04 -18.42
C LYS A 175 -1.22 -4.85 -17.37
N SER A 176 0.10 -4.68 -17.32
CA SER A 176 0.94 -5.43 -16.40
C SER A 176 1.37 -4.65 -15.16
N LEU A 177 0.99 -5.13 -13.98
CA LEU A 177 1.35 -4.50 -12.72
C LEU A 177 2.41 -5.34 -12.04
N THR A 178 3.58 -4.76 -11.81
CA THR A 178 4.67 -5.50 -11.16
C THR A 178 4.99 -4.84 -9.80
N ALA A 179 5.27 -5.67 -8.79
CA ALA A 179 5.61 -5.18 -7.46
C ALA A 179 6.80 -5.98 -6.95
N SER A 180 7.81 -5.30 -6.43
CA SER A 180 8.99 -5.98 -5.91
C SER A 180 9.42 -5.37 -4.59
N LEU A 181 10.00 -6.21 -3.74
CA LEU A 181 10.50 -5.76 -2.45
C LEU A 181 11.92 -6.29 -2.30
N VAL A 182 12.84 -5.42 -1.90
CA VAL A 182 14.23 -5.77 -1.69
C VAL A 182 14.70 -5.27 -0.33
N TYR A 183 15.56 -6.04 0.32
CA TYR A 183 16.16 -5.64 1.59
C TYR A 183 17.59 -5.38 1.16
N PRO A 184 17.90 -4.13 0.80
CA PRO A 184 19.24 -3.75 0.35
C PRO A 184 20.39 -4.22 1.22
N SER A 185 20.17 -4.22 2.53
CA SER A 185 21.20 -4.65 3.46
C SER A 185 21.46 -6.15 3.42
N LEU A 186 20.42 -6.92 3.12
CA LEU A 186 20.52 -8.37 3.10
C LEU A 186 20.65 -8.96 1.69
N GLU A 187 20.39 -8.14 0.68
CA GLU A 187 20.50 -8.60 -0.70
C GLU A 187 19.47 -9.68 -1.03
N THR A 188 18.34 -9.66 -0.31
CA THR A 188 17.27 -10.60 -0.57
C THR A 188 16.21 -9.84 -1.37
N SER A 189 15.46 -10.55 -2.21
CA SER A 189 14.47 -9.91 -3.05
C SER A 189 13.27 -10.78 -3.38
N PHE A 190 12.12 -10.15 -3.58
CA PHE A 190 10.87 -10.86 -3.88
C PHE A 190 10.13 -10.09 -4.97
N ILE A 191 9.32 -10.78 -5.76
CA ILE A 191 8.60 -10.08 -6.81
C ILE A 191 7.30 -10.77 -7.20
N ILE A 192 6.34 -9.98 -7.66
CA ILE A 192 5.06 -10.52 -8.10
C ILE A 192 4.58 -9.72 -9.30
N ASP A 193 3.79 -10.37 -10.16
CA ASP A 193 3.26 -9.70 -11.33
C ASP A 193 1.90 -10.26 -11.71
N ALA A 194 1.02 -9.39 -12.19
CA ALA A 194 -0.31 -9.80 -12.60
C ALA A 194 -0.93 -8.82 -13.56
N ILE A 195 -1.86 -9.32 -14.36
CA ILE A 195 -2.57 -8.49 -15.32
C ILE A 195 -3.68 -7.79 -14.54
N VAL A 196 -3.76 -6.47 -14.68
CA VAL A 196 -4.76 -5.65 -14.02
C VAL A 196 -5.22 -4.62 -15.04
N ASP A 197 -6.49 -4.69 -15.44
CA ASP A 197 -7.06 -3.75 -16.41
C ASP A 197 -7.66 -2.58 -15.63
N VAL A 198 -6.84 -1.58 -15.32
CA VAL A 198 -7.29 -0.43 -14.52
C VAL A 198 -8.45 0.33 -15.16
N LYS A 199 -8.48 0.33 -16.49
CA LYS A 199 -9.54 1.03 -17.21
C LYS A 199 -10.92 0.46 -16.87
N ILE A 200 -11.01 -0.86 -16.68
CA ILE A 200 -12.29 -1.48 -16.36
C ILE A 200 -12.51 -1.65 -14.86
N VAL A 201 -11.53 -1.23 -14.05
CA VAL A 201 -11.64 -1.36 -12.60
C VAL A 201 -11.82 -0.03 -11.88
N LEU A 202 -10.94 0.92 -12.15
CA LEU A 202 -10.98 2.22 -11.48
C LEU A 202 -11.61 3.34 -12.30
N PRO A 203 -12.02 4.43 -11.62
CA PRO A 203 -12.62 5.56 -12.32
C PRO A 203 -11.47 6.32 -12.98
N GLU A 204 -11.80 7.30 -13.81
CA GLU A 204 -10.79 8.09 -14.51
C GLU A 204 -9.75 8.72 -13.58
N TRP A 205 -10.22 9.35 -12.50
CA TRP A 205 -9.34 9.99 -11.53
C TRP A 205 -9.32 9.17 -10.25
N VAL A 206 -8.14 9.05 -9.63
CA VAL A 206 -8.03 8.29 -8.39
C VAL A 206 -7.02 8.91 -7.44
N ARG A 207 -7.21 8.69 -6.15
CA ARG A 207 -6.25 9.15 -5.17
C ARG A 207 -5.46 7.89 -4.87
N PHE A 208 -4.31 8.03 -4.24
CA PHE A 208 -3.45 6.87 -4.00
C PHE A 208 -2.54 7.07 -2.81
N GLY A 209 -1.99 5.99 -2.30
CA GLY A 209 -1.11 6.09 -1.14
C GLY A 209 -0.96 4.79 -0.37
N PHE A 210 -0.87 4.91 0.96
CA PHE A 210 -0.68 3.76 1.83
C PHE A 210 -1.80 3.50 2.84
N SER A 211 -1.92 2.25 3.25
CA SER A 211 -2.90 1.84 4.26
C SER A 211 -2.27 0.70 5.05
N ALA A 212 -2.49 0.67 6.35
CA ALA A 212 -1.94 -0.40 7.17
C ALA A 212 -2.76 -0.59 8.43
N THR A 213 -2.74 -1.81 8.95
CA THR A 213 -3.47 -2.16 10.16
C THR A 213 -2.65 -3.13 10.99
N THR A 214 -2.96 -3.20 12.29
CA THR A 214 -2.30 -4.15 13.17
C THR A 214 -3.37 -5.19 13.51
N GLY A 215 -2.95 -6.28 14.13
CA GLY A 215 -3.87 -7.35 14.47
C GLY A 215 -4.99 -6.99 15.44
N ILE A 216 -6.05 -7.77 15.40
CA ILE A 216 -7.18 -7.55 16.29
C ILE A 216 -6.96 -8.23 17.62
N ASP A 217 -6.27 -9.37 17.60
CA ASP A 217 -5.99 -10.13 18.81
C ASP A 217 -4.71 -9.67 19.51
N LYS A 218 -4.72 -9.66 20.83
CA LYS A 218 -3.56 -9.23 21.61
C LYS A 218 -2.30 -9.99 21.19
N GLY A 219 -1.17 -9.28 21.14
CA GLY A 219 0.09 -9.89 20.77
C GLY A 219 0.43 -9.77 19.30
N TYR A 220 -0.58 -9.81 18.44
CA TYR A 220 -0.39 -9.72 16.99
C TYR A 220 -0.28 -8.26 16.54
N VAL A 221 0.85 -7.64 16.89
CA VAL A 221 1.10 -6.24 16.57
C VAL A 221 2.43 -6.04 15.83
N GLN A 222 2.57 -4.87 15.22
CA GLN A 222 3.76 -4.54 14.44
C GLN A 222 3.67 -3.07 14.06
N THR A 223 4.80 -2.44 13.77
CA THR A 223 4.75 -1.05 13.33
C THR A 223 4.60 -1.14 11.81
N ASN A 224 4.19 -0.05 11.20
CA ASN A 224 4.01 0.03 9.75
C ASN A 224 4.46 1.44 9.36
N ASP A 225 5.78 1.62 9.25
CA ASP A 225 6.39 2.91 8.96
C ASP A 225 6.97 3.06 7.55
N VAL A 226 6.55 4.11 6.84
CA VAL A 226 7.06 4.39 5.51
C VAL A 226 8.08 5.51 5.72
N LEU A 227 9.25 5.37 5.08
CA LEU A 227 10.33 6.34 5.27
C LEU A 227 10.58 7.30 4.12
N SER A 228 10.12 6.94 2.92
CA SER A 228 10.34 7.78 1.75
C SER A 228 9.35 7.36 0.67
N TRP A 229 9.15 8.23 -0.31
CA TRP A 229 8.18 7.93 -1.36
C TRP A 229 8.36 8.80 -2.61
N SER A 230 8.37 8.15 -3.77
CA SER A 230 8.48 8.86 -5.05
C SER A 230 7.42 8.25 -5.96
N PHE A 231 6.90 9.05 -6.89
CA PHE A 231 5.82 8.62 -7.78
C PHE A 231 5.95 9.32 -9.12
N GLU A 232 5.45 8.66 -10.17
CA GLU A 232 5.49 9.23 -11.50
C GLU A 232 4.47 8.55 -12.41
N SER A 233 3.58 9.33 -13.01
CA SER A 233 2.59 8.76 -13.91
C SER A 233 2.54 9.57 -15.20
N ASN A 234 2.05 8.96 -16.25
CA ASN A 234 1.94 9.63 -17.54
C ASN A 234 0.76 9.08 -18.31
N LEU A 235 -0.18 9.96 -18.62
CA LEU A 235 -1.36 9.58 -19.40
C LEU A 235 -1.20 10.19 -20.78
N PRO A 236 -0.89 9.35 -21.78
CA PRO A 236 -0.71 9.78 -23.17
C PRO A 236 -1.92 10.51 -23.75
N GLY A 237 -1.63 11.52 -24.57
CA GLY A 237 -2.69 12.29 -25.20
C GLY A 237 -3.17 11.68 -26.51
#